data_8OOT
#
_entry.id   8OOT
#
_cell.length_a   1.00
_cell.length_b   1.00
_cell.length_c   1.00
_cell.angle_alpha   90.00
_cell.angle_beta   90.00
_cell.angle_gamma   90.00
#
_symmetry.space_group_name_H-M   'P 1'
#
loop_
_entity.id
_entity.type
_entity.pdbx_description
1 polymer 'Chromatin-remodeling complex subunit IES6'
2 polymer 'Actin-related protein 5'
3 non-polymer "ADENOSINE-5'-TRIPHOSPHATE"
4 non-polymer 'MAGNESIUM ION'
#
loop_
_entity_poly.entity_id
_entity_poly.type
_entity_poly.pdbx_seq_one_letter_code
_entity_poly.pdbx_strand_id
1 'polypeptide(L)'
;MSNPDAQSAQAAHQALVEQLDLHSIHKTFRNPNWRPNQRRNKTIKAILGESQRKEASSTSAVATPRADDNGGGSGADTPA
NNDNNDGLSTSGTSTPANGNGSGAGTPASNGQPNLAQASRSLQKLVLEKSLASAQAPDKKAANGFASSAPTATYTNIESA
PSLAPMKHYCDVTGLPAPYLDPKTRLRYHNKEIFAMIRNLPQGMGEQFLEARGAHTVLK
;
I
2 'polypeptide(L)'
;MAPSAVAEPPPIPQRDEPWKRLPPPTVYPVKEARFEKYIPPQLDGRERALAQPPGQVAIVIDNGSHSVRAGWNFEDKPRL
AIPPIMSKYRDRKMGKTFSFAGSDCYADTTARSHIRNAFEAGTGIVSNWDVMEHVLDYVFVKLGMNECDGAIDMPIVMTE
AVANLPYSRKSMSEIIFECYGAPSLVYGIDSLFSFRHNQGQTGLVVSSSYSATHVIPVYNRKALLSQAIRLNWGGWHMAE
YMLKLLKLKYYTGFPGKLNSSQTEHMVRDFCYVSLDYDRELAGYLDWTGLEDRERIVQYPYTEEVVVQKTEEELARIAER
KKESGRRLQEQAAKMRLERLMKKEQELEYYKDIQRRMQGESKKEIKRLLDEAELKDEAALERVIRDLERSIKRARQKDLG
EPEEEEVPDFSLLDVPDDQLDEAGLRQKRQQRLLKSNWEARQRAKAEKEAEKARLAEEARLDEERRKNDLEGWLEEKRQL
RLAKLNQLKERERLKADLGNRKSLASQIRMKNIANLASDNPTGSGSRKRRRGGAGADQDDDFGADDADWGVYRSVAIGAN
KGDDSDDEEGEEDLEAAIRSLENDLLRYDKTFSYDMTLDAQRDWSKSLLHAFRYGPRPFDPSSQAETHRVHLNVERIRVP
EVLFQPAAIAGVDQAGLVEIAGDILCQRLPSLPGIQDAPDAFLRDVFLTGGNTLFQNFDERLRQGLMALLPVGAPLRVRR
AQDAILDAWRGAAGWACTEEAKAAWITREEYLEKGGEYIKEHDLGNAFA
;
J
#
loop_
_chem_comp.id
_chem_comp.type
_chem_comp.name
_chem_comp.formula
ATP non-polymer ADENOSINE-5'-TRIPHOSPHATE 'C10 H16 N5 O13 P3'
MG non-polymer 'MAGNESIUM ION' 'Mg 2'
#
# COMPACT_ATOMS: atom_id res chain seq x y z
N GLN A 7 26.38 -31.01 4.67
CA GLN A 7 26.36 -30.31 5.95
C GLN A 7 24.94 -30.19 6.48
N SER A 8 24.79 -30.45 7.80
CA SER A 8 23.47 -30.49 8.41
C SER A 8 22.68 -29.20 8.17
N ALA A 9 23.36 -28.05 8.21
CA ALA A 9 22.68 -26.78 7.95
C ALA A 9 22.06 -26.77 6.56
N GLN A 10 22.77 -27.28 5.55
CA GLN A 10 22.19 -27.36 4.21
C GLN A 10 21.08 -28.40 4.16
N ALA A 11 21.27 -29.53 4.83
CA ALA A 11 20.22 -30.56 4.90
C ALA A 11 18.98 -30.03 5.61
N ALA A 12 19.16 -29.29 6.72
CA ALA A 12 18.05 -28.65 7.39
C ALA A 12 17.36 -27.63 6.50
N HIS A 13 18.13 -26.88 5.72
CA HIS A 13 17.54 -25.96 4.74
C HIS A 13 16.71 -26.70 3.69
N GLN A 14 17.21 -27.83 3.19
CA GLN A 14 16.40 -28.65 2.29
C GLN A 14 15.15 -29.17 2.97
N ALA A 15 15.25 -29.60 4.23
CA ALA A 15 14.08 -30.07 4.95
C ALA A 15 13.03 -28.97 5.12
N LEU A 16 13.47 -27.75 5.44
CA LEU A 16 12.55 -26.62 5.51
C LEU A 16 11.93 -26.29 4.16
N VAL A 17 12.74 -26.24 3.11
CA VAL A 17 12.24 -25.98 1.76
C VAL A 17 11.21 -27.03 1.33
N GLU A 18 11.44 -28.29 1.68
CA GLU A 18 10.41 -29.31 1.45
C GLU A 18 9.17 -29.09 2.30
N GLN A 19 9.36 -28.76 3.58
CA GLN A 19 8.23 -28.51 4.46
C GLN A 19 7.39 -27.33 3.98
N LEU A 20 8.01 -26.32 3.40
CA LEU A 20 7.28 -25.18 2.86
C LEU A 20 6.62 -25.43 1.52
N ASP A 21 7.07 -26.44 0.78
CA ASP A 21 6.62 -26.62 -0.61
C ASP A 21 5.13 -26.94 -0.67
N LEU A 22 4.42 -26.24 -1.55
CA LEU A 22 3.03 -26.55 -1.88
C LEU A 22 2.88 -27.53 -3.02
N HIS A 23 3.88 -27.63 -3.91
CA HIS A 23 3.76 -28.45 -5.12
C HIS A 23 3.59 -29.93 -4.80
N SER A 24 4.21 -30.40 -3.72
CA SER A 24 4.07 -31.79 -3.31
C SER A 24 2.66 -32.15 -2.85
N ILE A 25 1.78 -31.17 -2.64
CA ILE A 25 0.49 -31.41 -2.02
C ILE A 25 -0.57 -31.43 -3.12
N HIS A 26 -1.34 -32.52 -3.17
CA HIS A 26 -2.51 -32.61 -4.03
C HIS A 26 -3.68 -31.84 -3.42
N LYS A 27 -4.16 -30.82 -4.12
CA LYS A 27 -5.26 -29.99 -3.65
C LYS A 27 -6.57 -30.69 -3.97
N THR A 28 -7.05 -31.48 -3.00
CA THR A 28 -8.26 -32.28 -3.18
C THR A 28 -9.46 -31.43 -3.60
N PHE A 29 -9.52 -30.18 -3.16
CA PHE A 29 -10.63 -29.29 -3.49
C PHE A 29 -10.57 -28.71 -4.90
N ARG A 30 -9.48 -28.90 -5.63
CA ARG A 30 -9.43 -28.41 -7.00
C ARG A 30 -10.25 -29.31 -7.92
N ASN A 31 -11.00 -28.69 -8.82
CA ASN A 31 -11.55 -29.34 -9.99
C ASN A 31 -10.46 -29.64 -11.01
N PRO A 32 -10.17 -30.92 -11.29
CA PRO A 32 -9.09 -31.22 -12.23
C PRO A 32 -9.45 -30.93 -13.68
N ASN A 33 -10.74 -30.87 -14.01
CA ASN A 33 -11.17 -30.69 -15.38
C ASN A 33 -11.01 -29.24 -15.85
N TRP A 34 -11.12 -28.28 -14.93
CA TRP A 34 -11.05 -26.87 -15.31
C TRP A 34 -9.62 -26.45 -15.60
N ARG A 35 -9.43 -25.83 -16.76
CA ARG A 35 -8.13 -25.30 -17.16
C ARG A 35 -8.35 -23.90 -17.72
N PRO A 36 -7.61 -22.90 -17.26
CA PRO A 36 -7.88 -21.52 -17.68
C PRO A 36 -7.43 -21.26 -19.10
N ASN A 37 -8.01 -20.21 -19.68
CA ASN A 37 -7.42 -19.57 -20.85
C ASN A 37 -6.09 -18.94 -20.45
N GLN A 38 -5.00 -19.38 -21.09
CA GLN A 38 -3.68 -18.86 -20.77
C GLN A 38 -3.52 -17.36 -21.03
N ARG A 39 -4.32 -16.77 -21.92
CA ARG A 39 -4.28 -15.34 -22.17
C ARG A 39 -5.03 -14.50 -21.12
N ARG A 40 -5.52 -15.12 -20.05
CA ARG A 40 -6.35 -14.39 -19.09
C ARG A 40 -5.59 -13.27 -18.38
N ASN A 41 -4.27 -13.37 -18.26
CA ASN A 41 -3.48 -12.36 -17.55
C ASN A 41 -3.28 -11.10 -18.39
N LYS A 42 -4.39 -10.43 -18.70
CA LYS A 42 -4.36 -9.15 -19.38
C LYS A 42 -3.92 -8.05 -18.44
N THR A 43 -3.31 -7.00 -19.01
CA THR A 43 -3.01 -5.80 -18.25
C THR A 43 -4.24 -4.90 -18.11
N ILE A 44 -4.21 -4.04 -17.10
CA ILE A 44 -5.26 -3.04 -16.91
C ILE A 44 -5.44 -2.17 -18.15
N LYS A 45 -4.34 -1.77 -18.78
CA LYS A 45 -4.41 -1.02 -20.03
C LYS A 45 -5.21 -1.78 -21.07
N ALA A 46 -4.95 -3.07 -21.22
CA ALA A 46 -5.71 -3.89 -22.17
C ALA A 46 -7.16 -4.05 -21.73
N ILE A 47 -7.39 -4.31 -20.43
CA ILE A 47 -8.75 -4.48 -19.94
C ILE A 47 -9.59 -3.23 -20.18
N LEU A 48 -9.02 -2.05 -19.89
CA LEU A 48 -9.69 -0.80 -20.23
C LEU A 48 -9.91 -0.69 -21.73
N GLY A 49 -8.85 -0.88 -22.51
CA GLY A 49 -8.96 -0.71 -23.96
C GLY A 49 -9.95 -1.65 -24.62
N GLU A 50 -10.20 -2.81 -24.00
CA GLU A 50 -11.24 -3.71 -24.50
C GLU A 50 -12.66 -3.19 -24.26
N SER A 51 -12.85 -2.15 -23.44
CA SER A 51 -14.19 -1.65 -23.21
C SER A 51 -14.79 -1.06 -24.49
N GLN A 52 -13.97 -0.42 -25.30
CA GLN A 52 -14.42 0.14 -26.58
C GLN A 52 -14.58 -0.96 -27.62
N THR A 155 -15.59 4.12 -11.77
CA THR A 155 -15.45 3.09 -12.79
C THR A 155 -14.07 3.16 -13.42
N ASN A 156 -13.06 3.39 -12.59
CA ASN A 156 -11.78 3.96 -13.01
C ASN A 156 -11.97 5.27 -13.78
N ILE A 157 -12.98 6.04 -13.35
CA ILE A 157 -13.16 7.44 -13.70
C ILE A 157 -13.17 8.30 -12.43
N GLU A 158 -12.57 7.79 -11.36
CA GLU A 158 -12.53 8.41 -10.05
C GLU A 158 -11.29 9.28 -9.83
N SER A 159 -10.39 9.36 -10.80
CA SER A 159 -9.24 10.24 -10.68
C SER A 159 -9.68 11.71 -10.66
N ALA A 160 -8.81 12.55 -10.08
CA ALA A 160 -9.13 13.95 -9.85
C ALA A 160 -7.94 14.88 -10.07
N PRO A 161 -7.91 15.64 -11.17
CA PRO A 161 -6.85 16.64 -11.37
C PRO A 161 -6.96 17.83 -10.43
N SER A 162 -6.03 18.79 -10.53
CA SER A 162 -6.04 19.96 -9.66
C SER A 162 -5.63 21.21 -10.41
N LEU A 163 -6.07 22.36 -9.90
CA LEU A 163 -5.76 23.67 -10.46
C LEU A 163 -5.13 24.64 -9.48
N ALA A 164 -4.91 24.23 -8.23
CA ALA A 164 -4.22 25.09 -7.28
C ALA A 164 -2.76 25.34 -7.71
N PRO A 165 -2.24 26.54 -7.41
CA PRO A 165 -0.83 26.82 -7.68
C PRO A 165 0.10 25.84 -6.97
N MET A 166 1.18 25.49 -7.65
CA MET A 166 2.11 24.45 -7.22
C MET A 166 3.34 25.06 -6.57
N LYS A 167 3.67 24.61 -5.36
CA LYS A 167 4.88 25.05 -4.68
C LYS A 167 6.10 24.34 -5.26
N HIS A 168 7.24 25.04 -5.21
CA HIS A 168 8.47 24.59 -5.86
C HIS A 168 9.47 24.09 -4.82
N TYR A 169 9.98 22.88 -5.04
CA TYR A 169 10.92 22.24 -4.13
C TYR A 169 12.18 21.82 -4.87
N CYS A 170 13.28 21.76 -4.13
CA CYS A 170 14.59 21.42 -4.69
C CYS A 170 14.64 19.96 -5.12
N ASP A 171 15.04 19.73 -6.37
CA ASP A 171 15.14 18.36 -6.88
C ASP A 171 16.20 17.55 -6.17
N VAL A 172 17.27 18.19 -5.69
CA VAL A 172 18.32 17.45 -5.01
C VAL A 172 17.94 17.15 -3.56
N THR A 173 17.53 18.17 -2.81
CA THR A 173 17.33 18.01 -1.37
C THR A 173 15.87 18.08 -0.94
N GLY A 174 14.96 18.51 -1.81
CA GLY A 174 13.57 18.67 -1.46
C GLY A 174 13.26 19.92 -0.65
N LEU A 175 14.26 20.65 -0.19
CA LEU A 175 14.04 21.96 0.39
C LEU A 175 13.34 22.89 -0.62
N PRO A 176 12.73 23.97 -0.15
CA PRO A 176 12.11 24.92 -1.08
C PRO A 176 13.13 25.45 -2.07
N ALA A 177 12.71 25.62 -3.31
CA ALA A 177 13.62 26.07 -4.37
C ALA A 177 13.18 27.41 -4.92
N PRO A 178 13.94 28.48 -4.69
CA PRO A 178 13.67 29.75 -5.37
C PRO A 178 13.95 29.72 -6.86
N TYR A 179 14.80 28.82 -7.33
CA TYR A 179 15.44 28.94 -8.64
C TYR A 179 15.18 27.71 -9.49
N LEU A 180 15.02 27.93 -10.79
CA LEU A 180 14.94 26.87 -11.78
C LEU A 180 16.11 27.04 -12.76
N ASP A 181 16.92 26.02 -12.89
CA ASP A 181 18.05 26.05 -13.81
C ASP A 181 17.56 25.94 -15.25
N PRO A 182 17.79 26.94 -16.10
CA PRO A 182 17.37 26.83 -17.51
C PRO A 182 18.10 25.76 -18.30
N LYS A 183 19.25 25.29 -17.83
CA LYS A 183 19.98 24.23 -18.54
C LYS A 183 19.43 22.85 -18.20
N THR A 184 19.64 22.40 -16.97
CA THR A 184 19.24 21.05 -16.58
C THR A 184 17.74 20.92 -16.31
N ARG A 185 17.01 22.03 -16.23
CA ARG A 185 15.61 22.08 -15.81
C ARG A 185 15.40 21.57 -14.39
N LEU A 186 16.47 21.41 -13.62
CA LEU A 186 16.33 21.03 -12.22
C LEU A 186 16.05 22.25 -11.36
N ARG A 187 15.20 22.09 -10.35
CA ARG A 187 14.99 23.11 -9.34
C ARG A 187 16.01 22.93 -8.24
N TYR A 188 16.53 24.04 -7.72
CA TYR A 188 17.61 23.98 -6.75
C TYR A 188 17.44 25.04 -5.67
N HIS A 189 17.91 24.68 -4.47
CA HIS A 189 17.74 25.50 -3.28
C HIS A 189 18.73 26.66 -3.23
N ASN A 190 19.99 26.42 -3.57
CA ASN A 190 21.02 27.43 -3.41
C ASN A 190 22.16 27.15 -4.38
N LYS A 191 23.12 28.09 -4.42
CA LYS A 191 24.23 28.02 -5.36
C LYS A 191 25.17 26.85 -5.11
N GLU A 192 25.22 26.31 -3.89
CA GLU A 192 25.95 25.08 -3.67
C GLU A 192 25.34 23.91 -4.45
N ILE A 193 24.02 23.80 -4.43
CA ILE A 193 23.33 22.76 -5.18
C ILE A 193 23.36 23.03 -6.67
N PHE A 194 23.37 24.30 -7.08
CA PHE A 194 23.62 24.63 -8.48
C PHE A 194 24.98 24.14 -8.94
N ALA A 195 26.00 24.25 -8.08
CA ALA A 195 27.32 23.71 -8.41
C ALA A 195 27.28 22.20 -8.63
N MET A 196 26.62 21.48 -7.72
CA MET A 196 26.37 20.05 -7.90
C MET A 196 25.65 19.74 -9.22
N ILE A 197 24.52 20.41 -9.46
CA ILE A 197 23.65 20.07 -10.58
C ILE A 197 24.40 20.13 -11.92
N ARG A 198 25.22 21.14 -12.12
CA ARG A 198 25.97 21.22 -13.37
C ARG A 198 27.25 20.40 -13.37
N ASN A 199 27.61 19.78 -12.24
CA ASN A 199 28.71 18.82 -12.18
C ASN A 199 28.22 17.38 -12.19
N LEU A 200 26.93 17.15 -12.42
CA LEU A 200 26.38 15.81 -12.45
C LEU A 200 26.96 14.98 -13.61
N PRO A 201 27.15 13.68 -13.40
CA PRO A 201 27.45 12.76 -14.51
C PRO A 201 26.40 12.79 -15.61
N GLN A 202 26.79 12.20 -16.74
CA GLN A 202 26.11 12.43 -18.01
C GLN A 202 24.62 12.12 -17.95
N GLY A 203 24.23 11.06 -17.26
CA GLY A 203 22.85 10.68 -17.17
C GLY A 203 22.09 11.03 -15.91
N MET A 204 22.73 11.66 -14.93
CA MET A 204 22.12 11.80 -13.61
C MET A 204 21.00 12.81 -13.59
N GLY A 205 21.10 13.88 -14.39
CA GLY A 205 20.04 14.87 -14.45
C GLY A 205 18.68 14.29 -14.82
N GLU A 206 18.66 13.37 -15.78
CA GLU A 206 17.42 12.69 -16.15
C GLU A 206 16.85 11.87 -14.99
N GLN A 207 17.70 11.31 -14.14
CA GLN A 207 17.20 10.59 -12.97
C GLN A 207 16.54 11.51 -11.94
N PHE A 208 17.08 12.72 -11.76
CA PHE A 208 16.41 13.67 -10.86
C PHE A 208 15.06 14.11 -11.39
N LEU A 209 14.94 14.29 -12.70
CA LEU A 209 13.63 14.56 -13.28
C LEU A 209 12.68 13.38 -13.13
N GLU A 210 13.19 12.16 -13.28
CA GLU A 210 12.37 10.97 -13.14
C GLU A 210 11.75 10.83 -11.75
N ALA A 211 12.40 11.38 -10.72
CA ALA A 211 11.77 11.36 -9.40
C ALA A 211 10.57 12.31 -9.31
N ARG A 212 10.54 13.36 -10.13
CA ARG A 212 9.31 14.10 -10.36
C ARG A 212 8.42 13.44 -11.40
N GLY A 213 8.91 12.39 -12.06
CA GLY A 213 8.27 11.87 -13.24
C GLY A 213 8.23 12.84 -14.40
N ALA A 214 9.13 13.80 -14.43
CA ALA A 214 9.41 14.57 -15.63
C ALA A 214 10.43 13.83 -16.49
N HIS A 215 10.29 13.97 -17.81
CA HIS A 215 11.19 13.27 -18.71
C HIS A 215 11.42 14.12 -19.95
N THR A 216 12.60 13.96 -20.55
CA THR A 216 12.94 14.57 -21.82
C THR A 216 13.57 13.56 -22.77
N VAL A 217 13.37 12.27 -22.52
CA VAL A 217 14.03 11.22 -23.28
C VAL A 217 13.50 11.17 -24.70
N GLU B 17 34.73 21.89 18.39
CA GLU B 17 33.81 21.86 17.28
C GLU B 17 32.60 21.01 17.65
N PRO B 18 31.41 21.38 17.18
CA PRO B 18 30.18 20.72 17.64
C PRO B 18 30.18 19.21 17.49
N TRP B 19 30.70 18.70 16.37
CA TRP B 19 30.73 17.25 16.14
C TRP B 19 31.62 16.53 17.13
N LYS B 20 32.60 17.20 17.72
CA LYS B 20 33.37 16.58 18.80
C LYS B 20 32.56 16.46 20.07
N ARG B 21 31.58 17.36 20.25
CA ARG B 21 30.75 17.42 21.45
C ARG B 21 29.49 16.58 21.36
N LEU B 22 28.98 16.32 20.16
CA LEU B 22 27.83 15.43 19.99
C LEU B 22 28.14 14.01 20.49
N PRO B 23 27.12 13.30 20.97
CA PRO B 23 27.29 11.89 21.35
C PRO B 23 27.54 10.99 20.14
N PRO B 24 27.90 9.73 20.37
CA PRO B 24 27.87 8.72 19.30
C PRO B 24 26.48 8.54 18.74
N PRO B 25 26.37 8.36 17.42
CA PRO B 25 25.05 8.22 16.79
C PRO B 25 24.33 6.96 17.22
N THR B 26 23.01 7.02 17.20
CA THR B 26 22.14 5.86 17.39
C THR B 26 21.60 5.41 16.04
N VAL B 27 21.72 4.11 15.76
CA VAL B 27 21.56 3.57 14.42
C VAL B 27 20.69 2.32 14.49
N TYR B 28 19.78 2.18 13.53
CA TYR B 28 18.81 1.09 13.46
C TYR B 28 19.19 0.11 12.36
N PRO B 29 19.23 -1.18 12.65
CA PRO B 29 19.46 -2.17 11.58
C PRO B 29 18.35 -2.12 10.55
N VAL B 30 18.72 -2.32 9.28
CA VAL B 30 17.75 -2.34 8.19
C VAL B 30 16.83 -3.55 8.34
N LYS B 31 15.53 -3.29 8.38
CA LYS B 31 14.50 -4.31 8.35
C LYS B 31 14.08 -4.61 6.91
N GLU B 32 13.59 -5.82 6.69
CA GLU B 32 13.09 -6.23 5.39
C GLU B 32 12.05 -7.31 5.58
N ALA B 33 11.22 -7.51 4.56
CA ALA B 33 10.31 -8.65 4.53
C ALA B 33 11.08 -9.96 4.49
N ARG B 34 10.78 -10.84 5.44
CA ARG B 34 11.55 -12.06 5.64
C ARG B 34 10.62 -13.18 6.07
N PHE B 35 11.01 -14.41 5.74
CA PHE B 35 10.36 -15.59 6.31
C PHE B 35 10.74 -15.73 7.78
N GLU B 36 9.77 -16.12 8.62
CA GLU B 36 10.06 -16.44 10.01
C GLU B 36 9.79 -17.89 10.36
N LYS B 37 8.59 -18.40 10.14
CA LYS B 37 8.33 -19.80 10.48
C LYS B 37 7.23 -20.36 9.60
N TYR B 38 7.24 -21.70 9.49
CA TYR B 38 6.15 -22.45 8.90
C TYR B 38 4.92 -22.42 9.81
N ILE B 39 3.74 -22.35 9.21
CA ILE B 39 2.48 -22.55 9.92
C ILE B 39 1.74 -23.74 9.32
N PRO B 40 1.38 -24.74 10.11
CA PRO B 40 0.66 -25.90 9.59
C PRO B 40 -0.79 -25.57 9.27
N PRO B 41 -1.45 -26.41 8.48
CA PRO B 41 -2.91 -26.31 8.35
C PRO B 41 -3.63 -26.33 9.69
N GLN B 42 -4.54 -25.37 9.87
CA GLN B 42 -5.19 -25.13 11.16
C GLN B 42 -6.49 -25.93 11.21
N LEU B 43 -6.34 -27.23 11.52
CA LEU B 43 -7.46 -28.17 11.47
C LEU B 43 -8.55 -27.85 12.48
N ASP B 44 -8.21 -27.21 13.59
CA ASP B 44 -9.21 -26.75 14.55
C ASP B 44 -10.17 -25.73 13.93
N GLY B 45 -9.72 -24.99 12.93
CA GLY B 45 -10.62 -24.09 12.21
C GLY B 45 -11.71 -24.83 11.45
N ARG B 46 -11.32 -25.86 10.70
CA ARG B 46 -12.30 -26.69 9.99
C ARG B 46 -13.28 -27.36 10.95
N GLU B 47 -12.77 -27.86 12.08
CA GLU B 47 -13.64 -28.44 13.12
C GLU B 47 -14.68 -27.43 13.63
N ARG B 48 -14.22 -26.24 14.05
CA ARG B 48 -15.14 -25.20 14.51
C ARG B 48 -16.18 -24.81 13.46
N ALA B 49 -15.76 -24.71 12.19
CA ALA B 49 -16.71 -24.35 11.13
C ALA B 49 -17.86 -25.34 11.03
N LEU B 50 -17.57 -26.63 11.12
CA LEU B 50 -18.62 -27.65 11.09
C LEU B 50 -19.51 -27.63 12.34
N ALA B 51 -19.06 -27.01 13.43
CA ALA B 51 -19.84 -26.90 14.65
C ALA B 51 -20.78 -25.71 14.70
N GLN B 52 -20.64 -24.73 13.83
CA GLN B 52 -21.50 -23.56 13.86
C GLN B 52 -22.90 -23.89 13.36
N PRO B 53 -23.88 -23.02 13.65
CA PRO B 53 -25.21 -23.21 13.08
C PRO B 53 -25.18 -23.15 11.56
N PRO B 54 -26.14 -23.82 10.91
CA PRO B 54 -26.23 -23.75 9.45
C PRO B 54 -26.44 -22.33 8.95
N GLY B 55 -25.79 -22.01 7.83
CA GLY B 55 -25.88 -20.69 7.23
C GLY B 55 -25.22 -19.59 8.01
N GLN B 56 -24.37 -19.94 8.97
CA GLN B 56 -23.66 -18.97 9.80
C GLN B 56 -22.16 -19.21 9.74
N VAL B 57 -21.68 -19.76 8.63
CA VAL B 57 -20.25 -19.91 8.38
C VAL B 57 -19.93 -19.31 7.02
N ALA B 58 -18.82 -18.59 6.94
CA ALA B 58 -18.23 -18.19 5.67
C ALA B 58 -16.72 -18.10 5.84
N ILE B 59 -16.01 -18.34 4.76
CA ILE B 59 -14.61 -17.98 4.65
C ILE B 59 -14.51 -16.53 4.19
N VAL B 60 -13.77 -15.72 4.95
CA VAL B 60 -13.69 -14.28 4.74
C VAL B 60 -12.28 -13.95 4.28
N ILE B 61 -12.16 -13.34 3.10
CA ILE B 61 -10.88 -13.06 2.47
C ILE B 61 -10.82 -11.56 2.20
N ASP B 62 -10.03 -10.85 2.99
CA ASP B 62 -9.66 -9.47 2.68
C ASP B 62 -8.47 -9.53 1.73
N ASN B 63 -8.77 -9.47 0.44
CA ASN B 63 -7.78 -9.66 -0.63
C ASN B 63 -6.94 -8.39 -0.85
N GLY B 64 -6.22 -8.00 0.20
CA GLY B 64 -5.44 -6.78 0.13
C GLY B 64 -4.14 -6.97 -0.67
N SER B 65 -3.80 -5.95 -1.46
CA SER B 65 -2.58 -5.96 -2.27
C SER B 65 -1.30 -6.04 -1.44
N HIS B 66 -1.33 -5.61 -0.19
CA HIS B 66 -0.18 -5.81 0.69
C HIS B 66 -0.26 -7.13 1.45
N SER B 67 -1.43 -7.47 1.99
CA SER B 67 -1.64 -8.78 2.60
C SER B 67 -3.00 -9.32 2.19
N VAL B 68 -3.03 -10.58 1.77
CA VAL B 68 -4.25 -11.37 1.82
C VAL B 68 -4.50 -11.81 3.26
N ARG B 69 -5.65 -11.41 3.79
CA ARG B 69 -6.08 -11.77 5.13
C ARG B 69 -7.30 -12.69 5.04
N ALA B 70 -7.24 -13.83 5.71
CA ALA B 70 -8.26 -14.86 5.57
C ALA B 70 -8.55 -15.53 6.90
N GLY B 71 -9.78 -15.97 7.07
CA GLY B 71 -10.19 -16.60 8.32
C GLY B 71 -11.66 -16.96 8.28
N TRP B 72 -12.19 -17.29 9.45
CA TRP B 72 -13.59 -17.69 9.59
C TRP B 72 -14.41 -16.53 10.14
N ASN B 73 -15.60 -16.33 9.55
CA ASN B 73 -16.49 -15.26 9.99
C ASN B 73 -16.77 -15.30 11.49
N PHE B 74 -16.81 -16.50 12.07
CA PHE B 74 -17.11 -16.64 13.49
C PHE B 74 -15.92 -16.35 14.40
N GLU B 75 -14.81 -15.85 13.87
CA GLU B 75 -13.63 -15.56 14.67
C GLU B 75 -13.27 -14.08 14.58
N ASP B 76 -12.59 -13.59 15.61
CA ASP B 76 -12.31 -12.18 15.79
C ASP B 76 -11.13 -11.66 14.99
N LYS B 77 -10.34 -12.53 14.37
CA LYS B 77 -9.20 -12.06 13.59
C LYS B 77 -8.89 -13.07 12.49
N PRO B 78 -8.22 -12.64 11.43
CA PRO B 78 -7.73 -13.60 10.43
C PRO B 78 -6.79 -14.62 11.03
N ARG B 79 -6.82 -15.82 10.46
CA ARG B 79 -5.81 -16.83 10.75
C ARG B 79 -4.59 -16.74 9.84
N LEU B 80 -4.76 -16.19 8.64
CA LEU B 80 -3.66 -16.03 7.68
C LEU B 80 -3.49 -14.55 7.36
N ALA B 81 -2.23 -14.15 7.17
CA ALA B 81 -1.91 -12.88 6.52
C ALA B 81 -0.63 -13.05 5.72
N ILE B 82 -0.74 -13.00 4.40
CA ILE B 82 0.38 -13.34 3.52
C ILE B 82 0.41 -12.36 2.36
N PRO B 83 1.61 -12.10 1.83
CA PRO B 83 1.70 -11.30 0.61
C PRO B 83 1.10 -12.04 -0.57
N PRO B 84 0.49 -11.31 -1.51
CA PRO B 84 -0.10 -11.92 -2.72
C PRO B 84 0.94 -12.29 -3.76
N ILE B 85 1.91 -13.10 -3.37
CA ILE B 85 3.04 -13.45 -4.22
C ILE B 85 3.13 -14.97 -4.32
N MET B 86 3.67 -15.44 -5.45
CA MET B 86 4.11 -16.82 -5.58
C MET B 86 5.56 -16.84 -6.05
N SER B 87 6.27 -17.91 -5.66
CA SER B 87 7.51 -18.33 -6.30
C SER B 87 7.39 -19.78 -6.74
N LYS B 88 7.59 -20.05 -8.03
CA LYS B 88 7.61 -21.41 -8.54
C LYS B 88 8.80 -21.58 -9.47
N TYR B 89 9.58 -22.65 -9.25
CA TYR B 89 10.76 -22.89 -10.05
C TYR B 89 11.13 -24.37 -9.96
N ARG B 90 11.94 -24.81 -10.91
CA ARG B 90 12.51 -26.16 -10.89
C ARG B 90 13.94 -26.09 -10.36
N ASP B 91 14.21 -26.84 -9.30
CA ASP B 91 15.56 -26.93 -8.73
C ASP B 91 16.40 -27.84 -9.61
N ARG B 92 17.30 -27.24 -10.39
CA ARG B 92 18.15 -28.02 -11.30
C ARG B 92 19.07 -28.99 -10.58
N LYS B 93 19.31 -28.80 -9.29
CA LYS B 93 20.10 -29.72 -8.50
C LYS B 93 19.29 -30.87 -7.90
N MET B 94 17.97 -30.85 -8.07
CA MET B 94 17.11 -31.90 -7.53
C MET B 94 16.11 -32.45 -8.53
N GLY B 95 15.84 -31.75 -9.62
CA GLY B 95 14.98 -32.23 -10.68
C GLY B 95 13.49 -32.13 -10.41
N LYS B 96 13.09 -31.43 -9.37
CA LYS B 96 11.68 -31.30 -9.01
C LYS B 96 11.30 -29.83 -9.02
N THR B 97 10.03 -29.56 -9.33
CA THR B 97 9.47 -28.23 -9.16
C THR B 97 9.20 -27.96 -7.67
N PHE B 98 9.52 -26.74 -7.25
CA PHE B 98 9.08 -26.20 -5.97
C PHE B 98 8.14 -25.03 -6.22
N SER B 99 7.14 -24.89 -5.36
CA SER B 99 6.21 -23.78 -5.45
C SER B 99 5.90 -23.24 -4.06
N PHE B 100 5.83 -21.92 -3.97
CA PHE B 100 5.60 -21.20 -2.72
C PHE B 100 4.68 -20.02 -3.03
N ALA B 101 3.84 -19.64 -2.06
CA ALA B 101 2.76 -18.73 -2.39
C ALA B 101 2.37 -17.82 -1.22
N GLY B 102 3.33 -17.45 -0.38
CA GLY B 102 3.05 -16.56 0.73
C GLY B 102 4.34 -16.03 1.32
N SER B 103 4.48 -16.13 2.64
CA SER B 103 5.77 -15.80 3.25
C SER B 103 6.69 -17.01 3.30
N ASP B 104 6.19 -18.18 2.93
CA ASP B 104 7.07 -19.30 2.61
C ASP B 104 8.01 -18.92 1.47
N CYS B 105 7.47 -18.24 0.47
CA CYS B 105 8.29 -17.46 -0.44
C CYS B 105 8.91 -16.31 0.35
N TYR B 106 10.24 -16.28 0.40
CA TYR B 106 10.93 -15.68 1.54
C TYR B 106 10.65 -14.20 1.70
N ALA B 107 10.30 -13.50 0.63
CA ALA B 107 9.79 -12.14 0.77
C ALA B 107 8.51 -12.11 1.57
N ALA B 111 14.37 -19.03 -1.10
CA ALA B 111 15.53 -18.15 -0.98
C ALA B 111 16.10 -17.81 -2.35
N ARG B 112 15.33 -18.14 -3.41
CA ARG B 112 15.71 -17.85 -4.78
C ARG B 112 14.85 -16.79 -5.43
N SER B 113 13.70 -16.46 -4.85
CA SER B 113 12.95 -15.25 -5.15
C SER B 113 12.66 -15.09 -6.65
N HIS B 114 12.02 -16.12 -7.21
CA HIS B 114 11.38 -16.05 -8.53
C HIS B 114 10.01 -15.41 -8.44
N ILE B 115 9.90 -14.34 -7.64
CA ILE B 115 8.61 -13.82 -7.20
C ILE B 115 7.82 -13.26 -8.37
N ARG B 116 6.53 -13.57 -8.40
CA ARG B 116 5.53 -12.84 -9.17
C ARG B 116 4.41 -12.43 -8.25
N ASN B 117 3.73 -11.34 -8.59
CA ASN B 117 2.70 -10.77 -7.74
C ASN B 117 1.36 -10.78 -8.47
N ALA B 118 0.30 -11.09 -7.73
CA ALA B 118 -1.03 -11.17 -8.33
C ALA B 118 -1.50 -9.82 -8.87
N PHE B 119 -1.07 -8.74 -8.24
CA PHE B 119 -1.57 -7.40 -8.56
C PHE B 119 -0.64 -6.70 -9.54
N GLU B 120 -1.24 -5.91 -10.42
CA GLU B 120 -0.48 -4.97 -11.23
C GLU B 120 0.10 -3.88 -10.32
N ALA B 121 1.42 -3.73 -10.36
CA ALA B 121 2.13 -2.96 -9.34
C ALA B 121 1.61 -1.53 -9.29
N GLY B 122 1.31 -1.06 -8.08
CA GLY B 122 0.72 0.25 -7.89
C GLY B 122 -0.73 0.37 -8.26
N THR B 123 -1.48 -0.74 -8.23
CA THR B 123 -2.92 -0.70 -8.47
C THR B 123 -3.58 -1.70 -7.53
N GLY B 124 -4.88 -1.51 -7.34
CA GLY B 124 -5.68 -2.39 -6.52
C GLY B 124 -6.25 -3.58 -7.25
N ILE B 125 -5.86 -3.78 -8.51
CA ILE B 125 -6.54 -4.70 -9.41
C ILE B 125 -5.69 -5.96 -9.55
N VAL B 126 -6.32 -7.12 -9.35
CA VAL B 126 -5.65 -8.38 -9.65
C VAL B 126 -5.51 -8.54 -11.15
N SER B 127 -4.34 -9.01 -11.58
CA SER B 127 -4.09 -9.21 -13.01
C SER B 127 -3.25 -10.43 -13.33
N ASN B 128 -2.43 -10.95 -12.42
CA ASN B 128 -1.74 -12.22 -12.61
C ASN B 128 -2.58 -13.29 -11.90
N TRP B 129 -3.52 -13.86 -12.65
CA TRP B 129 -4.47 -14.82 -12.11
C TRP B 129 -3.80 -16.14 -11.72
N ASP B 130 -2.68 -16.49 -12.36
CA ASP B 130 -1.95 -17.68 -11.95
C ASP B 130 -1.40 -17.53 -10.54
N VAL B 131 -0.84 -16.37 -10.21
CA VAL B 131 -0.41 -16.13 -8.83
C VAL B 131 -1.61 -16.14 -7.89
N MET B 132 -2.67 -15.44 -8.27
CA MET B 132 -3.86 -15.35 -7.43
C MET B 132 -4.44 -16.72 -7.13
N GLU B 133 -4.50 -17.58 -8.15
CA GLU B 133 -5.02 -18.94 -7.96
C GLU B 133 -4.10 -19.78 -7.07
N HIS B 134 -2.79 -19.61 -7.19
CA HIS B 134 -1.87 -20.23 -6.23
C HIS B 134 -2.02 -19.66 -4.83
N VAL B 135 -2.28 -18.36 -4.70
CA VAL B 135 -2.50 -17.76 -3.40
C VAL B 135 -3.76 -18.29 -2.74
N LEU B 136 -4.84 -18.44 -3.51
CA LEU B 136 -6.06 -19.05 -3.00
C LEU B 136 -5.85 -20.51 -2.61
N ASP B 137 -5.10 -21.27 -3.40
CA ASP B 137 -4.70 -22.62 -3.00
C ASP B 137 -4.03 -22.63 -1.62
N TYR B 138 -3.08 -21.73 -1.40
CA TYR B 138 -2.42 -21.65 -0.09
C TYR B 138 -3.41 -21.32 1.02
N VAL B 139 -4.32 -20.37 0.77
CA VAL B 139 -5.33 -19.97 1.75
C VAL B 139 -6.16 -21.17 2.20
N PHE B 140 -6.75 -21.89 1.26
CA PHE B 140 -7.63 -23.01 1.59
C PHE B 140 -6.86 -24.17 2.23
N VAL B 141 -5.63 -24.43 1.80
CA VAL B 141 -4.80 -25.43 2.46
C VAL B 141 -4.58 -25.06 3.93
N LYS B 142 -4.18 -23.82 4.19
CA LYS B 142 -3.84 -23.46 5.57
C LYS B 142 -5.07 -23.22 6.44
N LEU B 143 -6.22 -22.87 5.86
CA LEU B 143 -7.47 -22.96 6.58
C LEU B 143 -7.89 -24.40 6.88
N GLY B 144 -7.17 -25.38 6.36
CA GLY B 144 -7.43 -26.77 6.70
C GLY B 144 -8.53 -27.43 5.90
N MET B 145 -8.93 -26.86 4.76
CA MET B 145 -9.91 -27.50 3.90
C MET B 145 -9.29 -28.69 3.18
N ASN B 146 -9.88 -29.87 3.40
CA ASN B 146 -9.71 -30.97 2.46
C ASN B 146 -11.04 -31.68 2.27
N GLU B 147 -11.34 -32.03 1.03
CA GLU B 147 -12.65 -32.54 0.67
C GLU B 147 -12.82 -33.98 1.13
N ASP B 153 -16.58 -25.90 -0.24
CA ASP B 153 -17.95 -26.21 0.17
C ASP B 153 -18.53 -25.15 1.09
N MET B 154 -17.90 -23.98 1.11
CA MET B 154 -18.18 -22.98 2.12
C MET B 154 -18.43 -21.63 1.45
N PRO B 155 -19.37 -20.83 1.95
CA PRO B 155 -19.55 -19.49 1.40
C PRO B 155 -18.29 -18.66 1.57
N ILE B 156 -17.99 -17.85 0.55
CA ILE B 156 -16.80 -17.01 0.54
C ILE B 156 -17.22 -15.56 0.48
N VAL B 157 -16.71 -14.76 1.42
CA VAL B 157 -16.81 -13.31 1.38
C VAL B 157 -15.44 -12.77 0.99
N MET B 158 -15.38 -11.97 -0.07
CA MET B 158 -14.11 -11.44 -0.56
C MET B 158 -14.22 -9.95 -0.81
N THR B 159 -13.22 -9.20 -0.36
CA THR B 159 -13.12 -7.78 -0.67
C THR B 159 -12.58 -7.60 -2.09
N GLU B 160 -13.08 -6.57 -2.77
CA GLU B 160 -12.53 -6.17 -4.06
C GLU B 160 -12.27 -4.67 -4.06
N ALA B 161 -11.51 -4.23 -5.06
CA ALA B 161 -11.20 -2.82 -5.20
C ALA B 161 -12.47 -2.00 -5.42
N VAL B 162 -12.40 -0.73 -5.01
CA VAL B 162 -13.40 0.24 -5.42
C VAL B 162 -13.42 0.37 -6.93
N ALA B 163 -14.61 0.28 -7.52
CA ALA B 163 -14.79 0.26 -8.97
C ALA B 163 -13.98 -0.83 -9.65
N ASN B 164 -13.77 -1.95 -8.96
CA ASN B 164 -13.06 -3.09 -9.54
C ASN B 164 -13.58 -3.41 -10.93
N LEU B 165 -12.64 -3.69 -11.84
CA LEU B 165 -13.00 -3.82 -13.25
C LEU B 165 -13.84 -5.08 -13.49
N PRO B 166 -14.83 -5.01 -14.38
CA PRO B 166 -15.69 -6.19 -14.63
C PRO B 166 -14.92 -7.43 -15.05
N TYR B 167 -13.96 -7.28 -15.97
CA TYR B 167 -13.12 -8.40 -16.39
C TYR B 167 -12.39 -9.03 -15.22
N SER B 168 -11.90 -8.21 -14.28
CA SER B 168 -11.23 -8.74 -13.11
C SER B 168 -12.20 -9.48 -12.20
N ARG B 169 -13.41 -8.95 -12.02
CA ARG B 169 -14.41 -9.65 -11.23
C ARG B 169 -14.82 -10.97 -11.88
N LYS B 170 -15.01 -10.97 -13.20
CA LYS B 170 -15.29 -12.21 -13.92
C LYS B 170 -14.24 -13.28 -13.66
N SER B 171 -12.96 -12.94 -13.85
CA SER B 171 -11.88 -13.92 -13.67
C SER B 171 -11.82 -14.45 -12.24
N MET B 172 -12.01 -13.58 -11.24
CA MET B 172 -12.04 -14.05 -9.86
C MET B 172 -13.26 -14.93 -9.60
N SER B 173 -14.40 -14.58 -10.18
CA SER B 173 -15.61 -15.39 -10.02
C SER B 173 -15.44 -16.77 -10.64
N GLU B 174 -14.90 -16.82 -11.86
CA GLU B 174 -14.60 -18.09 -12.52
C GLU B 174 -13.74 -19.00 -11.66
N ILE B 175 -12.67 -18.46 -11.07
CA ILE B 175 -11.79 -19.24 -10.21
C ILE B 175 -12.55 -19.80 -9.01
N ILE B 176 -13.30 -18.94 -8.32
CA ILE B 176 -14.00 -19.36 -7.10
C ILE B 176 -15.07 -20.40 -7.39
N PHE B 177 -15.84 -20.22 -8.47
CA PHE B 177 -16.91 -21.17 -8.77
C PHE B 177 -16.41 -22.40 -9.50
N GLU B 178 -15.62 -22.23 -10.57
CA GLU B 178 -15.34 -23.35 -11.45
C GLU B 178 -14.13 -24.18 -11.02
N CYS B 179 -13.11 -23.54 -10.46
CA CYS B 179 -12.00 -24.32 -9.90
C CYS B 179 -12.32 -24.86 -8.51
N TYR B 180 -12.75 -24.00 -7.59
CA TYR B 180 -12.93 -24.41 -6.21
C TYR B 180 -14.35 -24.80 -5.85
N GLY B 181 -15.32 -24.62 -6.74
CA GLY B 181 -16.65 -25.16 -6.54
C GLY B 181 -17.43 -24.54 -5.39
N ALA B 182 -17.03 -23.36 -4.93
CA ALA B 182 -17.64 -22.78 -3.74
C ALA B 182 -19.14 -22.55 -3.94
N PRO B 183 -19.93 -22.71 -2.88
CA PRO B 183 -21.39 -22.54 -3.03
C PRO B 183 -21.80 -21.11 -3.33
N SER B 184 -21.21 -20.14 -2.64
CA SER B 184 -21.69 -18.76 -2.72
C SER B 184 -20.51 -17.80 -2.55
N LEU B 185 -20.64 -16.65 -3.19
CA LEU B 185 -19.61 -15.62 -3.19
C LEU B 185 -20.28 -14.25 -3.06
N VAL B 186 -19.62 -13.33 -2.38
CA VAL B 186 -20.03 -11.93 -2.37
C VAL B 186 -18.81 -11.03 -2.35
N TYR B 187 -18.90 -9.89 -3.04
CA TYR B 187 -17.84 -8.90 -3.13
C TYR B 187 -18.23 -7.63 -2.38
N GLY B 188 -17.42 -7.24 -1.40
CA GLY B 188 -17.56 -5.96 -0.74
C GLY B 188 -16.27 -5.16 -0.81
N ILE B 189 -16.31 -3.96 -0.22
CA ILE B 189 -15.18 -3.04 -0.26
C ILE B 189 -14.58 -2.93 1.13
N ASP B 190 -13.27 -3.16 1.22
CA ASP B 190 -12.60 -3.23 2.53
C ASP B 190 -12.77 -1.92 3.30
N SER B 191 -12.65 -0.80 2.62
CA SER B 191 -12.93 0.52 3.20
C SER B 191 -14.27 0.58 3.90
N LEU B 192 -15.32 0.08 3.24
CA LEU B 192 -16.68 0.19 3.77
C LEU B 192 -16.97 -0.82 4.88
N PHE B 193 -16.42 -2.02 4.79
CA PHE B 193 -16.47 -2.94 5.92
C PHE B 193 -15.83 -2.35 7.17
N SER B 194 -14.70 -1.67 7.00
CA SER B 194 -14.06 -1.00 8.12
C SER B 194 -14.93 0.09 8.73
N PHE B 195 -15.59 0.88 7.89
CA PHE B 195 -16.50 1.91 8.39
C PHE B 195 -17.67 1.34 9.19
N ARG B 196 -18.35 0.33 8.63
CA ARG B 196 -19.47 -0.27 9.36
C ARG B 196 -19.03 -0.97 10.64
N HIS B 197 -17.85 -1.58 10.64
CA HIS B 197 -17.35 -2.18 11.88
C HIS B 197 -17.17 -1.15 12.98
N ASN B 198 -16.84 0.09 12.63
CA ASN B 198 -16.70 1.18 13.59
C ASN B 198 -17.97 2.01 13.71
N GLN B 199 -19.14 1.37 13.58
CA GLN B 199 -20.45 1.97 13.81
C GLN B 199 -20.76 3.11 12.85
N GLY B 200 -20.12 3.12 11.69
CA GLY B 200 -20.28 4.21 10.76
C GLY B 200 -21.69 4.33 10.20
N GLN B 201 -22.45 5.31 10.68
CA GLN B 201 -23.81 5.51 10.19
C GLN B 201 -23.86 6.44 8.98
N THR B 202 -23.15 7.57 9.06
CA THR B 202 -22.99 8.47 7.94
C THR B 202 -21.69 9.23 8.14
N GLY B 203 -20.99 9.52 7.05
CA GLY B 203 -19.67 10.09 7.18
C GLY B 203 -18.96 10.12 5.85
N LEU B 204 -17.74 10.66 5.91
CA LEU B 204 -16.81 10.65 4.79
C LEU B 204 -15.68 9.69 5.15
N VAL B 205 -15.60 8.58 4.44
CA VAL B 205 -14.57 7.58 4.69
C VAL B 205 -13.35 7.92 3.86
N VAL B 206 -12.23 8.16 4.53
CA VAL B 206 -10.95 8.38 3.87
C VAL B 206 -10.11 7.13 4.06
N SER B 207 -9.80 6.45 2.96
CA SER B 207 -8.95 5.28 2.95
C SER B 207 -7.65 5.61 2.24
N SER B 208 -6.53 5.40 2.93
CA SER B 208 -5.21 5.39 2.30
C SER B 208 -4.59 4.02 2.56
N SER B 209 -4.27 3.32 1.49
CA SER B 209 -3.92 1.91 1.55
C SER B 209 -2.65 1.69 0.74
N TYR B 210 -2.20 0.44 0.71
CA TYR B 210 -1.02 0.09 -0.08
C TYR B 210 -1.20 0.47 -1.55
N SER B 211 -2.36 0.18 -2.13
CA SER B 211 -2.53 0.38 -3.56
C SER B 211 -2.87 1.82 -3.95
N ALA B 212 -3.55 2.56 -3.09
CA ALA B 212 -4.26 3.76 -3.51
C ALA B 212 -4.71 4.54 -2.28
N THR B 213 -5.31 5.70 -2.52
CA THR B 213 -6.05 6.44 -1.51
C THR B 213 -7.42 6.83 -2.05
N HIS B 214 -8.46 6.61 -1.24
CA HIS B 214 -9.84 6.85 -1.63
C HIS B 214 -10.54 7.75 -0.61
N VAL B 215 -11.43 8.59 -1.12
CA VAL B 215 -12.40 9.30 -0.29
C VAL B 215 -13.79 8.92 -0.78
N ILE B 216 -14.57 8.30 0.10
CA ILE B 216 -15.91 7.80 -0.23
C ILE B 216 -16.91 8.43 0.72
N PRO B 217 -17.87 9.23 0.24
CA PRO B 217 -18.99 9.66 1.08
C PRO B 217 -20.01 8.53 1.28
N VAL B 218 -20.40 8.31 2.53
CA VAL B 218 -21.35 7.27 2.90
C VAL B 218 -22.57 7.94 3.53
N TYR B 219 -23.75 7.69 2.97
CA TYR B 219 -24.99 8.29 3.43
C TYR B 219 -25.96 7.19 3.85
N ASN B 220 -26.43 7.26 5.09
CA ASN B 220 -27.30 6.26 5.70
C ASN B 220 -26.82 4.83 5.42
N ARG B 221 -25.57 4.60 5.80
CA ARG B 221 -24.88 3.32 5.61
C ARG B 221 -24.69 2.89 4.16
N LYS B 222 -25.12 3.68 3.18
CA LYS B 222 -24.88 3.34 1.78
C LYS B 222 -23.85 4.30 1.21
N ALA B 223 -22.81 3.73 0.60
CA ALA B 223 -21.78 4.52 -0.07
C ALA B 223 -22.29 5.15 -1.36
N LEU B 224 -21.97 6.44 -1.54
CA LEU B 224 -22.32 7.18 -2.74
C LEU B 224 -21.16 7.09 -3.74
N LEU B 225 -20.95 5.88 -4.26
CA LEU B 225 -19.73 5.58 -5.02
C LEU B 225 -19.59 6.43 -6.26
N SER B 226 -20.69 6.94 -6.81
CA SER B 226 -20.61 7.91 -7.90
C SER B 226 -19.89 9.18 -7.47
N GLN B 227 -19.81 9.45 -6.17
CA GLN B 227 -19.12 10.62 -5.63
C GLN B 227 -17.75 10.28 -5.04
N ALA B 228 -17.33 9.02 -5.08
CA ALA B 228 -16.01 8.65 -4.57
C ALA B 228 -14.90 9.06 -5.54
N ILE B 229 -13.70 9.25 -4.99
CA ILE B 229 -12.53 9.68 -5.74
C ILE B 229 -11.34 8.81 -5.34
N ARG B 230 -10.47 8.50 -6.31
CA ARG B 230 -9.21 7.80 -6.07
C ARG B 230 -8.03 8.72 -6.38
N LEU B 231 -7.02 8.68 -5.51
CA LEU B 231 -5.84 9.52 -5.68
C LEU B 231 -4.74 8.90 -6.55
N ASN B 232 -4.66 7.57 -6.63
CA ASN B 232 -3.50 6.86 -7.20
C ASN B 232 -2.20 7.14 -6.44
N TRP B 233 -2.27 7.30 -5.13
CA TRP B 233 -1.08 7.28 -4.29
C TRP B 233 -1.35 6.49 -3.02
N GLY B 234 -0.35 5.72 -2.60
CA GLY B 234 -0.52 4.86 -1.45
C GLY B 234 0.80 4.29 -0.99
N GLY B 235 0.70 3.37 -0.03
CA GLY B 235 1.90 2.87 0.65
C GLY B 235 2.91 2.22 -0.27
N TRP B 236 2.46 1.61 -1.37
CA TRP B 236 3.39 1.12 -2.37
C TRP B 236 4.14 2.27 -3.04
N HIS B 237 3.42 3.31 -3.45
CA HIS B 237 4.04 4.45 -4.10
C HIS B 237 5.03 5.16 -3.19
N MET B 238 4.74 5.22 -1.89
CA MET B 238 5.68 5.81 -0.95
C MET B 238 6.97 5.01 -0.83
N ALA B 239 6.87 3.68 -0.78
CA ALA B 239 8.08 2.85 -0.75
C ALA B 239 8.89 3.00 -2.03
N GLU B 240 8.23 3.02 -3.19
CA GLU B 240 8.93 3.24 -4.44
C GLU B 240 9.57 4.62 -4.52
N TYR B 241 8.83 5.65 -4.12
CA TYR B 241 9.36 7.02 -4.14
C TYR B 241 10.52 7.19 -3.16
N MET B 242 10.38 6.69 -1.94
CA MET B 242 11.49 6.67 -1.00
C MET B 242 12.73 5.97 -1.56
N LEU B 243 12.53 4.92 -2.36
CA LEU B 243 13.67 4.27 -3.01
C LEU B 243 14.33 5.16 -4.05
N LYS B 244 13.54 5.80 -4.91
CA LYS B 244 14.10 6.77 -5.86
C LYS B 244 14.92 7.87 -5.15
N LEU B 245 14.38 8.42 -4.08
CA LEU B 245 15.10 9.46 -3.33
C LEU B 245 16.42 8.96 -2.77
N LEU B 246 16.43 7.77 -2.17
CA LEU B 246 17.67 7.25 -1.61
C LEU B 246 18.70 6.94 -2.69
N LYS B 247 18.27 6.40 -3.82
CA LYS B 247 19.19 6.16 -4.93
C LYS B 247 19.74 7.45 -5.52
N LEU B 248 18.97 8.54 -5.47
CA LEU B 248 19.49 9.84 -5.86
C LEU B 248 20.43 10.42 -4.80
N LYS B 249 20.05 10.35 -3.53
CA LYS B 249 20.90 10.89 -2.47
C LYS B 249 22.30 10.30 -2.51
N TYR B 250 22.40 8.98 -2.74
CA TYR B 250 23.69 8.29 -2.79
C TYR B 250 24.06 7.87 -4.20
N TYR B 251 23.78 8.75 -5.18
CA TYR B 251 24.06 8.42 -6.57
C TYR B 251 25.54 8.19 -6.84
N THR B 252 26.41 8.66 -5.94
CA THR B 252 27.83 8.29 -6.02
C THR B 252 28.02 6.79 -5.87
N GLY B 253 27.03 6.11 -5.30
CA GLY B 253 27.03 4.66 -5.25
C GLY B 253 27.01 4.15 -3.83
N PHE B 254 25.81 3.87 -3.33
CA PHE B 254 25.66 3.21 -2.05
C PHE B 254 26.09 1.75 -2.17
N PRO B 255 26.93 1.24 -1.27
CA PRO B 255 27.44 -0.12 -1.42
C PRO B 255 26.43 -1.20 -1.05
N GLY B 256 25.41 -0.88 -0.24
CA GLY B 256 24.35 -1.84 0.02
C GLY B 256 23.35 -1.93 -1.12
N LYS B 257 22.64 -3.06 -1.14
CA LYS B 257 21.56 -3.28 -2.11
C LYS B 257 20.28 -2.65 -1.58
N LEU B 258 19.82 -1.59 -2.25
CA LEU B 258 18.61 -0.88 -1.88
C LEU B 258 17.40 -1.55 -2.50
N ASN B 259 16.47 -2.00 -1.67
CA ASN B 259 15.24 -2.65 -2.11
C ASN B 259 14.05 -1.89 -1.54
N SER B 260 12.97 -1.81 -2.32
CA SER B 260 11.77 -1.15 -1.83
C SER B 260 11.10 -1.92 -0.70
N SER B 261 11.44 -3.19 -0.49
CA SER B 261 11.03 -3.88 0.72
C SER B 261 11.67 -3.27 1.96
N GLN B 262 12.89 -2.77 1.85
CA GLN B 262 13.54 -2.08 2.96
C GLN B 262 12.95 -0.69 3.17
N THR B 263 12.76 0.07 2.09
CA THR B 263 12.24 1.42 2.20
C THR B 263 10.80 1.45 2.70
N GLU B 264 10.03 0.39 2.45
CA GLU B 264 8.73 0.24 3.10
C GLU B 264 8.84 0.26 4.62
N HIS B 265 9.79 -0.49 5.17
CA HIS B 265 9.99 -0.48 6.62
C HIS B 265 10.55 0.86 7.12
N MET B 266 11.32 1.56 6.30
CA MET B 266 11.73 2.92 6.66
C MET B 266 10.56 3.89 6.72
N VAL B 267 9.67 3.85 5.72
CA VAL B 267 8.49 4.70 5.72
C VAL B 267 7.58 4.39 6.91
N ARG B 268 7.41 3.12 7.23
CA ARG B 268 6.66 2.75 8.43
C ARG B 268 7.32 3.24 9.71
N ASP B 269 8.62 3.03 9.86
CA ASP B 269 9.26 3.33 11.13
C ASP B 269 9.53 4.81 11.34
N PHE B 270 9.91 5.54 10.30
CA PHE B 270 10.53 6.84 10.50
C PHE B 270 9.75 8.02 9.94
N CYS B 271 9.00 7.84 8.85
CA CYS B 271 8.27 8.97 8.29
C CYS B 271 7.10 9.36 9.17
N TYR B 272 6.72 10.64 9.09
CA TYR B 272 5.54 11.16 9.76
C TYR B 272 5.04 12.36 8.96
N VAL B 273 3.76 12.68 9.13
CA VAL B 273 3.17 13.83 8.45
C VAL B 273 3.53 15.11 9.20
N SER B 274 3.92 16.13 8.44
CA SER B 274 4.20 17.44 9.02
C SER B 274 2.91 18.16 9.35
N LEU B 275 2.89 18.84 10.50
CA LEU B 275 1.79 19.74 10.81
C LEU B 275 1.92 21.09 10.10
N ASP B 276 3.11 21.42 9.59
CA ASP B 276 3.34 22.70 8.94
C ASP B 276 4.54 22.59 8.01
N TYR B 277 4.30 22.05 6.81
CA TYR B 277 5.37 21.48 6.01
C TYR B 277 6.46 22.50 5.68
N ASP B 278 6.09 23.60 5.02
CA ASP B 278 7.08 24.58 4.59
C ASP B 278 7.87 25.17 5.74
N ARG B 279 7.21 25.41 6.88
CA ARG B 279 7.93 25.97 8.02
C ARG B 279 8.82 24.95 8.71
N GLU B 280 8.40 23.68 8.73
CA GLU B 280 9.25 22.60 9.22
C GLU B 280 10.35 22.24 8.22
N LEU B 281 10.04 22.26 6.93
CA LEU B 281 11.00 21.88 5.91
C LEU B 281 12.17 22.85 5.82
N ALA B 282 11.88 24.15 5.74
CA ALA B 282 12.93 25.13 5.45
C ALA B 282 14.05 25.12 6.48
N GLY B 283 13.77 24.72 7.72
CA GLY B 283 14.80 24.59 8.73
C GLY B 283 15.35 23.20 8.97
N TYR B 284 14.91 22.21 8.19
CA TYR B 284 15.14 20.81 8.56
C TYR B 284 16.61 20.44 8.52
N LEU B 285 17.36 20.96 7.55
CA LEU B 285 18.79 20.71 7.41
C LEU B 285 19.67 21.71 8.16
N ASP B 286 19.09 22.52 9.03
CA ASP B 286 19.90 23.42 9.85
C ASP B 286 20.82 22.62 10.76
N TRP B 287 22.10 22.99 10.76
CA TRP B 287 23.13 22.21 11.44
C TRP B 287 22.85 22.05 12.93
N THR B 288 22.26 23.06 13.56
CA THR B 288 21.80 22.90 14.93
C THR B 288 20.55 22.03 14.99
N GLY B 289 20.61 20.99 15.83
CA GLY B 289 19.51 20.08 16.06
C GLY B 289 19.30 19.00 15.02
N LEU B 290 19.98 19.08 13.88
CA LEU B 290 19.94 18.00 12.89
C LEU B 290 20.39 16.67 13.48
N GLU B 291 21.20 16.71 14.55
CA GLU B 291 21.61 15.53 15.29
C GLU B 291 20.47 14.56 15.59
N ASP B 292 19.24 15.06 15.70
CA ASP B 292 18.10 14.18 15.95
C ASP B 292 16.88 14.51 15.10
N ARG B 293 17.01 15.37 14.09
CA ARG B 293 16.11 15.27 12.96
C ARG B 293 16.52 14.15 12.01
N GLU B 294 17.81 13.84 11.94
CA GLU B 294 18.26 12.70 11.17
C GLU B 294 17.89 11.40 11.87
N ARG B 295 17.70 10.34 11.08
CA ARG B 295 17.73 8.99 11.61
C ARG B 295 18.52 8.10 10.66
N ILE B 296 19.23 7.13 11.24
CA ILE B 296 20.29 6.40 10.58
C ILE B 296 19.96 4.92 10.61
N VAL B 297 19.88 4.29 9.44
CA VAL B 297 19.76 2.84 9.33
C VAL B 297 21.03 2.30 8.72
N GLN B 298 21.55 1.22 9.30
CA GLN B 298 22.81 0.62 8.89
C GLN B 298 22.52 -0.66 8.12
N TYR B 299 23.10 -0.76 6.94
CA TYR B 299 23.11 -1.99 6.17
C TYR B 299 24.23 -2.91 6.68
N PRO B 300 24.07 -4.22 6.55
CA PRO B 300 25.06 -5.14 7.12
C PRO B 300 26.36 -5.18 6.35
N TYR B 301 27.30 -4.34 6.76
CA TYR B 301 28.60 -4.28 6.13
C TYR B 301 29.41 -5.54 6.44
N THR B 302 30.25 -5.93 5.48
CA THR B 302 31.26 -6.94 5.72
C THR B 302 32.46 -6.28 6.40
N GLU B 303 32.70 -6.63 7.65
CA GLU B 303 33.81 -6.04 8.39
C GLU B 303 35.14 -6.54 7.81
N GLU B 304 36.12 -5.65 7.76
CA GLU B 304 37.47 -6.00 7.32
C GLU B 304 38.15 -6.96 8.27
N GLN B 601 39.07 27.63 4.55
CA GLN B 601 38.19 27.82 5.71
C GLN B 601 36.73 27.64 5.31
N ARG B 602 36.51 27.18 4.08
CA ARG B 602 35.24 26.60 3.65
C ARG B 602 35.45 25.10 3.49
N ASP B 603 34.68 24.31 4.24
CA ASP B 603 34.85 22.87 4.23
C ASP B 603 33.51 22.19 4.44
N TRP B 604 33.55 20.89 4.69
CA TRP B 604 32.35 20.07 4.90
C TRP B 604 31.44 20.65 5.97
N SER B 605 32.02 21.18 7.05
CA SER B 605 31.22 21.67 8.16
C SER B 605 30.36 22.87 7.79
N LYS B 606 30.67 23.55 6.70
CA LYS B 606 29.84 24.64 6.21
C LYS B 606 29.00 24.25 5.00
N SER B 607 29.17 23.04 4.49
CA SER B 607 28.41 22.59 3.33
C SER B 607 27.02 22.10 3.73
N LEU B 608 26.07 22.26 2.81
CA LEU B 608 24.71 21.75 2.98
C LEU B 608 24.62 20.28 2.61
N LEU B 609 25.28 19.87 1.53
CA LEU B 609 25.18 18.50 1.03
C LEU B 609 25.80 17.49 1.98
N HIS B 610 26.81 17.87 2.76
CA HIS B 610 27.26 16.97 3.82
C HIS B 610 26.18 16.76 4.87
N ALA B 611 25.51 17.83 5.29
CA ALA B 611 24.41 17.67 6.24
C ALA B 611 23.31 16.81 5.67
N PHE B 612 22.94 17.06 4.41
CA PHE B 612 21.94 16.25 3.73
C PHE B 612 22.31 14.78 3.68
N ARG B 613 23.56 14.47 3.36
CA ARG B 613 23.99 13.09 3.17
C ARG B 613 24.54 12.43 4.43
N TYR B 614 25.18 13.18 5.32
CA TYR B 614 25.95 12.60 6.41
C TYR B 614 25.71 13.27 7.76
N GLY B 615 24.95 14.36 7.82
CA GLY B 615 24.55 14.96 9.07
C GLY B 615 25.67 15.62 9.84
N PRO B 616 25.43 15.84 11.13
CA PRO B 616 26.30 16.72 11.92
C PRO B 616 27.69 16.19 12.22
N ARG B 617 28.09 15.11 11.58
CA ARG B 617 29.34 14.47 11.96
C ARG B 617 30.28 14.38 10.77
N PRO B 618 31.60 14.39 11.01
CA PRO B 618 32.53 14.11 9.92
C PRO B 618 32.30 12.74 9.32
N PHE B 619 32.65 12.60 8.05
CA PHE B 619 32.52 11.35 7.33
C PHE B 619 33.87 10.92 6.80
N ASP B 620 34.15 9.61 6.87
CA ASP B 620 35.26 9.03 6.17
C ASP B 620 34.84 7.76 5.44
N PRO B 621 35.29 7.57 4.19
CA PRO B 621 35.04 6.30 3.50
C PRO B 621 35.87 5.13 4.01
N SER B 622 36.83 5.38 4.92
CA SER B 622 37.60 4.27 5.48
C SER B 622 36.72 3.35 6.32
N SER B 623 35.79 3.91 7.10
CA SER B 623 34.95 3.11 7.98
C SER B 623 33.86 2.39 7.19
N GLN B 624 33.95 1.05 7.18
CA GLN B 624 32.88 0.23 6.62
C GLN B 624 31.57 0.43 7.39
N ALA B 625 31.67 0.84 8.66
CA ALA B 625 30.51 1.11 9.48
C ALA B 625 29.84 2.44 9.12
N GLU B 626 30.57 3.38 8.54
CA GLU B 626 29.99 4.69 8.24
C GLU B 626 29.59 4.82 6.78
N THR B 627 30.23 4.07 5.90
CA THR B 627 29.54 3.65 4.70
C THR B 627 28.52 2.58 5.10
N HIS B 628 27.69 2.17 4.14
CA HIS B 628 26.61 1.21 4.39
C HIS B 628 25.62 1.72 5.43
N ARG B 629 25.45 3.04 5.54
CA ARG B 629 24.32 3.60 6.27
C ARG B 629 23.77 4.78 5.50
N VAL B 630 22.43 4.92 5.49
CA VAL B 630 21.74 6.04 4.87
C VAL B 630 21.12 6.93 5.94
N HIS B 631 21.15 8.24 5.69
CA HIS B 631 20.62 9.25 6.58
C HIS B 631 19.37 9.85 5.94
N LEU B 632 18.22 9.73 6.62
CA LEU B 632 16.96 10.03 5.97
C LEU B 632 16.70 11.52 5.82
N ASN B 633 16.78 12.29 6.91
CA ASN B 633 16.65 13.75 6.87
C ASN B 633 15.33 14.16 6.23
N VAL B 634 15.32 14.95 5.16
CA VAL B 634 14.10 15.55 4.61
C VAL B 634 13.04 14.51 4.24
N GLU B 635 13.44 13.35 3.73
CA GLU B 635 12.43 12.34 3.42
C GLU B 635 11.67 11.80 4.63
N ARG B 636 12.12 12.07 5.85
CA ARG B 636 11.26 11.84 7.02
C ARG B 636 9.88 12.47 6.85
N ILE B 637 9.81 13.65 6.23
CA ILE B 637 8.54 14.36 6.07
C ILE B 637 8.14 14.48 4.60
N ARG B 638 9.12 14.55 3.71
CA ARG B 638 8.84 14.74 2.29
C ARG B 638 8.02 13.59 1.70
N VAL B 639 8.19 12.38 2.21
CA VAL B 639 7.49 11.23 1.62
C VAL B 639 5.99 11.24 1.96
N PRO B 640 5.57 11.32 3.23
CA PRO B 640 4.12 11.40 3.50
C PRO B 640 3.41 12.57 2.84
N GLU B 641 4.10 13.69 2.63
CA GLU B 641 3.48 14.90 2.11
C GLU B 641 3.05 14.80 0.65
N VAL B 642 3.46 13.75 -0.07
CA VAL B 642 2.96 13.55 -1.43
C VAL B 642 1.45 13.37 -1.45
N LEU B 643 0.86 12.79 -0.40
CA LEU B 643 -0.59 12.70 -0.32
C LEU B 643 -1.24 14.07 -0.37
N PHE B 644 -0.64 15.05 0.28
CA PHE B 644 -1.20 16.39 0.35
C PHE B 644 -0.75 17.30 -0.79
N GLN B 645 0.38 17.01 -1.43
CA GLN B 645 0.96 17.90 -2.44
C GLN B 645 1.48 17.08 -3.62
N PRO B 646 0.59 16.37 -4.32
CA PRO B 646 1.05 15.28 -5.20
C PRO B 646 1.80 15.78 -6.42
N ALA B 647 1.31 16.85 -7.05
CA ALA B 647 1.98 17.42 -8.21
C ALA B 647 3.29 18.10 -7.84
N ALA B 648 3.33 18.79 -6.69
CA ALA B 648 4.53 19.51 -6.31
C ALA B 648 5.68 18.55 -5.96
N ILE B 649 5.40 17.55 -5.14
CA ILE B 649 6.48 16.73 -4.60
C ILE B 649 6.81 15.54 -5.49
N ALA B 650 5.84 15.02 -6.24
CA ALA B 650 6.11 13.84 -7.06
C ALA B 650 5.48 13.90 -8.44
N GLY B 651 5.00 15.07 -8.87
CA GLY B 651 4.44 15.20 -10.21
C GLY B 651 3.23 14.33 -10.49
N VAL B 652 2.52 13.90 -9.45
CA VAL B 652 1.42 12.97 -9.63
C VAL B 652 0.26 13.61 -10.39
N ASP B 653 0.22 14.94 -10.44
CA ASP B 653 -0.75 15.67 -11.28
C ASP B 653 -2.19 15.36 -10.86
N GLN B 654 -2.43 15.29 -9.56
CA GLN B 654 -3.77 15.08 -9.04
C GLN B 654 -3.97 15.95 -7.81
N ALA B 655 -5.23 16.27 -7.52
CA ALA B 655 -5.57 17.05 -6.35
C ALA B 655 -5.10 16.34 -5.07
N GLY B 656 -4.63 17.13 -4.11
CA GLY B 656 -4.24 16.57 -2.83
C GLY B 656 -5.43 16.09 -2.03
N LEU B 657 -5.11 15.28 -1.01
CA LEU B 657 -6.13 14.66 -0.18
C LEU B 657 -7.10 15.66 0.42
N VAL B 658 -6.58 16.77 0.96
CA VAL B 658 -7.43 17.81 1.52
C VAL B 658 -8.27 18.49 0.43
N GLU B 659 -7.68 18.72 -0.75
CA GLU B 659 -8.45 19.30 -1.84
C GLU B 659 -9.52 18.35 -2.36
N ILE B 660 -9.24 17.05 -2.39
CA ILE B 660 -10.26 16.08 -2.79
C ILE B 660 -11.41 16.07 -1.79
N ALA B 661 -11.10 15.88 -0.51
CA ALA B 661 -12.13 15.85 0.52
C ALA B 661 -12.89 17.18 0.58
N GLY B 662 -12.18 18.30 0.44
CA GLY B 662 -12.85 19.59 0.36
C GLY B 662 -13.79 19.73 -0.81
N ASP B 663 -13.38 19.25 -1.99
CA ASP B 663 -14.27 19.31 -3.16
C ASP B 663 -15.55 18.52 -2.94
N ILE B 664 -15.45 17.31 -2.39
CA ILE B 664 -16.62 16.50 -2.12
C ILE B 664 -17.55 17.20 -1.13
N LEU B 665 -17.01 17.61 0.01
CA LEU B 665 -17.81 18.22 1.06
C LEU B 665 -18.37 19.58 0.62
N CYS B 666 -17.56 20.40 -0.05
CA CYS B 666 -18.01 21.75 -0.38
C CYS B 666 -18.87 21.79 -1.64
N GLN B 667 -18.48 21.08 -2.70
CA GLN B 667 -19.18 21.19 -3.97
C GLN B 667 -20.21 20.10 -4.20
N ARG B 668 -19.85 18.83 -4.03
CA ARG B 668 -20.67 17.75 -4.55
C ARG B 668 -21.87 17.47 -3.65
N LEU B 669 -21.62 17.16 -2.38
CA LEU B 669 -22.71 16.72 -1.51
C LEU B 669 -23.78 17.78 -1.27
N PRO B 670 -23.47 19.08 -1.15
CA PRO B 670 -24.56 20.07 -1.11
C PRO B 670 -25.34 20.16 -2.40
N SER B 671 -24.70 19.85 -3.53
CA SER B 671 -25.38 19.91 -4.83
C SER B 671 -26.24 18.68 -5.07
N LEU B 672 -25.85 17.54 -4.54
CA LEU B 672 -26.52 16.27 -4.81
C LEU B 672 -27.92 16.27 -4.21
N PRO B 673 -28.99 16.27 -5.02
CA PRO B 673 -30.30 16.71 -4.52
C PRO B 673 -30.97 15.72 -3.58
N GLY B 674 -30.62 14.44 -3.62
CA GLY B 674 -31.22 13.49 -2.71
C GLY B 674 -30.77 13.60 -1.27
N ILE B 675 -29.65 14.27 -1.02
CA ILE B 675 -29.05 14.28 0.30
C ILE B 675 -29.71 15.36 1.16
N GLN B 676 -29.77 15.12 2.46
CA GLN B 676 -30.22 16.11 3.42
C GLN B 676 -29.12 16.34 4.45
N ASP B 677 -29.05 17.58 4.95
CA ASP B 677 -28.11 18.00 6.00
C ASP B 677 -26.65 17.87 5.54
N ALA B 678 -26.41 17.91 4.24
CA ALA B 678 -25.06 18.01 3.72
C ALA B 678 -24.56 19.46 3.82
N PRO B 679 -23.27 19.66 4.08
CA PRO B 679 -22.22 18.69 4.42
C PRO B 679 -22.30 18.20 5.86
N ASP B 680 -23.00 18.96 6.70
CA ASP B 680 -22.83 18.89 8.16
C ASP B 680 -22.94 17.47 8.70
N ALA B 681 -23.88 16.67 8.18
CA ALA B 681 -24.01 15.28 8.60
C ALA B 681 -22.74 14.48 8.32
N PHE B 682 -22.05 14.77 7.23
CA PHE B 682 -20.80 14.09 6.90
C PHE B 682 -19.62 14.60 7.72
N LEU B 683 -19.57 15.91 7.98
CA LEU B 683 -18.45 16.48 8.75
C LEU B 683 -18.32 15.85 10.14
N ARG B 684 -19.43 15.49 10.75
CA ARG B 684 -19.41 14.85 12.07
C ARG B 684 -18.71 13.50 12.09
N ASP B 685 -18.38 12.89 10.93
CA ASP B 685 -17.51 11.71 10.98
C ASP B 685 -16.74 11.55 9.67
N VAL B 686 -15.64 12.29 9.56
CA VAL B 686 -14.58 11.93 8.63
C VAL B 686 -13.79 10.79 9.23
N PHE B 687 -13.64 9.69 8.49
CA PHE B 687 -13.19 8.43 9.05
C PHE B 687 -11.97 7.93 8.28
N LEU B 688 -10.91 7.58 9.01
CA LEU B 688 -9.63 7.19 8.46
C LEU B 688 -9.43 5.67 8.52
N THR B 689 -9.05 5.07 7.40
CA THR B 689 -8.96 3.62 7.26
C THR B 689 -7.74 3.26 6.41
N GLY B 690 -7.27 2.04 6.61
CA GLY B 690 -6.13 1.54 5.87
C GLY B 690 -4.79 1.91 6.45
N GLY B 691 -3.80 1.03 6.24
CA GLY B 691 -2.53 1.16 6.93
C GLY B 691 -1.79 2.44 6.62
N ASN B 692 -1.91 2.94 5.40
CA ASN B 692 -1.17 4.12 4.99
C ASN B 692 -1.72 5.41 5.61
N THR B 693 -2.79 5.34 6.39
CA THR B 693 -3.18 6.46 7.25
C THR B 693 -2.45 6.48 8.59
N LEU B 694 -1.71 5.43 8.94
CA LEU B 694 -1.20 5.31 10.31
C LEU B 694 -0.05 6.26 10.62
N PHE B 695 0.34 7.13 9.69
CA PHE B 695 1.35 8.14 10.01
C PHE B 695 0.88 9.00 11.18
N GLN B 696 1.84 9.37 12.03
CA GLN B 696 1.60 10.34 13.09
C GLN B 696 1.19 11.69 12.50
N ASN B 697 0.28 12.37 13.21
CA ASN B 697 -0.31 13.66 12.83
C ASN B 697 -1.16 13.60 11.57
N PHE B 698 -1.39 12.42 11.01
CA PHE B 698 -2.22 12.33 9.80
C PHE B 698 -3.62 12.89 10.07
N ASP B 699 -4.22 12.52 11.20
CA ASP B 699 -5.52 13.04 11.58
C ASP B 699 -5.50 14.56 11.74
N GLU B 700 -4.62 15.07 12.61
CA GLU B 700 -4.55 16.51 12.85
C GLU B 700 -4.22 17.30 11.59
N ARG B 701 -3.36 16.77 10.72
CA ARG B 701 -3.13 17.44 9.45
C ARG B 701 -4.40 17.51 8.61
N LEU B 702 -5.12 16.40 8.51
CA LEU B 702 -6.36 16.37 7.73
C LEU B 702 -7.42 17.28 8.34
N ARG B 703 -7.56 17.25 9.67
CA ARG B 703 -8.51 18.13 10.35
C ARG B 703 -8.24 19.60 10.06
N GLN B 704 -7.01 20.05 10.29
CA GLN B 704 -6.66 21.46 10.07
C GLN B 704 -6.81 21.87 8.61
N GLY B 705 -6.51 20.96 7.69
CA GLY B 705 -6.73 21.26 6.28
C GLY B 705 -8.20 21.43 5.92
N LEU B 706 -9.06 20.57 6.44
CA LEU B 706 -10.50 20.70 6.19
C LEU B 706 -11.09 21.87 6.95
N MET B 707 -10.67 22.09 8.19
CA MET B 707 -11.18 23.20 8.99
C MET B 707 -11.08 24.55 8.28
N ALA B 708 -10.03 24.74 7.49
CA ALA B 708 -9.90 25.98 6.73
C ALA B 708 -10.90 26.07 5.59
N LEU B 709 -11.38 24.93 5.08
CA LEU B 709 -12.31 24.96 3.95
C LEU B 709 -13.77 24.99 4.39
N LEU B 710 -14.10 24.40 5.53
CA LEU B 710 -15.46 24.34 6.01
C LEU B 710 -15.89 25.66 6.64
N PRO B 711 -17.19 25.97 6.63
CA PRO B 711 -17.67 27.19 7.27
C PRO B 711 -17.35 27.22 8.75
N VAL B 712 -17.22 28.44 9.28
CA VAL B 712 -16.72 28.64 10.64
C VAL B 712 -17.63 27.95 11.64
N GLY B 713 -17.02 27.20 12.56
CA GLY B 713 -17.74 26.46 13.58
C GLY B 713 -18.43 25.20 13.12
N ALA B 714 -18.19 24.76 11.89
CA ALA B 714 -18.74 23.50 11.43
C ALA B 714 -18.25 22.36 12.33
N PRO B 715 -19.10 21.38 12.64
CA PRO B 715 -18.78 20.40 13.67
C PRO B 715 -17.86 19.29 13.18
N LEU B 716 -16.86 19.65 12.39
CA LEU B 716 -15.91 18.67 11.86
C LEU B 716 -15.27 17.84 12.95
N ARG B 717 -15.32 16.52 12.77
CA ARG B 717 -14.51 15.58 13.53
C ARG B 717 -13.81 14.64 12.56
N VAL B 718 -12.52 14.40 12.80
CA VAL B 718 -11.78 13.33 12.14
C VAL B 718 -11.51 12.23 13.15
N ARG B 719 -11.77 10.98 12.74
CA ARG B 719 -11.70 9.82 13.62
C ARG B 719 -10.91 8.70 12.94
N ARG B 720 -10.02 8.07 13.69
CA ARG B 720 -9.33 6.88 13.21
C ARG B 720 -10.13 5.62 13.53
N ALA B 721 -10.13 4.68 12.59
CA ALA B 721 -10.53 3.31 12.88
C ALA B 721 -9.67 2.72 13.99
N GLN B 722 -10.28 1.86 14.81
CA GLN B 722 -9.51 0.94 15.64
C GLN B 722 -8.79 -0.07 14.75
N ASP B 723 -7.52 -0.32 15.02
CA ASP B 723 -6.73 -1.37 14.35
C ASP B 723 -6.90 -1.32 12.84
N ALA B 724 -6.55 -0.15 12.28
CA ALA B 724 -6.97 0.26 10.94
C ALA B 724 -6.54 -0.71 9.83
N ILE B 725 -5.77 -1.75 10.12
CA ILE B 725 -5.46 -2.76 9.11
C ILE B 725 -6.45 -3.93 9.16
N LEU B 726 -6.48 -4.65 10.28
CA LEU B 726 -7.34 -5.81 10.42
C LEU B 726 -8.82 -5.46 10.47
N ASP B 727 -9.15 -4.24 10.87
CA ASP B 727 -10.53 -3.84 11.11
C ASP B 727 -11.41 -3.97 9.87
N ALA B 728 -10.84 -3.78 8.67
CA ALA B 728 -11.61 -4.03 7.45
C ALA B 728 -12.00 -5.50 7.30
N TRP B 729 -11.13 -6.43 7.70
CA TRP B 729 -11.52 -7.83 7.71
C TRP B 729 -12.59 -8.12 8.74
N ARG B 730 -12.45 -7.57 9.95
CA ARG B 730 -13.44 -7.74 11.00
C ARG B 730 -14.82 -7.26 10.57
N GLY B 731 -14.88 -6.16 9.81
CA GLY B 731 -16.16 -5.72 9.26
C GLY B 731 -16.79 -6.74 8.33
N ALA B 732 -16.00 -7.27 7.39
CA ALA B 732 -16.48 -8.31 6.50
C ALA B 732 -16.92 -9.56 7.26
N ALA B 733 -16.14 -9.97 8.27
CA ALA B 733 -16.50 -11.15 9.05
C ALA B 733 -17.81 -10.97 9.79
N GLY B 734 -17.99 -9.83 10.45
CA GLY B 734 -19.24 -9.56 11.15
C GLY B 734 -20.43 -9.43 10.22
N TRP B 735 -20.22 -8.89 9.03
CA TRP B 735 -21.28 -8.74 8.04
C TRP B 735 -21.63 -10.04 7.34
N ALA B 736 -20.63 -10.94 7.20
CA ALA B 736 -20.67 -12.06 6.28
C ALA B 736 -22.00 -12.81 6.20
N CYS B 737 -22.59 -13.13 7.36
CA CYS B 737 -23.77 -13.99 7.40
C CYS B 737 -25.05 -13.25 7.82
N THR B 738 -25.02 -11.93 7.90
CA THR B 738 -26.25 -11.18 8.14
C THR B 738 -27.21 -11.35 6.97
N GLU B 739 -28.49 -11.07 7.24
CA GLU B 739 -29.52 -11.20 6.22
C GLU B 739 -29.29 -10.25 5.04
N GLU B 740 -28.76 -9.06 5.31
CA GLU B 740 -28.37 -8.16 4.23
C GLU B 740 -27.29 -8.79 3.36
N ALA B 741 -26.32 -9.48 3.98
CA ALA B 741 -25.28 -10.16 3.21
C ALA B 741 -25.85 -11.35 2.45
N LYS B 742 -26.64 -12.20 3.11
CA LYS B 742 -27.18 -13.38 2.46
C LYS B 742 -28.14 -13.03 1.34
N ALA B 743 -28.78 -11.85 1.41
CA ALA B 743 -29.50 -11.33 0.26
C ALA B 743 -28.57 -10.93 -0.88
N ALA B 744 -27.31 -10.58 -0.55
CA ALA B 744 -26.31 -10.22 -1.54
C ALA B 744 -25.51 -11.38 -2.08
N TRP B 745 -25.50 -12.53 -1.41
CA TRP B 745 -24.80 -13.70 -1.92
C TRP B 745 -25.26 -14.06 -3.33
N ILE B 746 -24.31 -14.45 -4.17
CA ILE B 746 -24.56 -15.10 -5.45
C ILE B 746 -24.23 -16.57 -5.32
N THR B 747 -25.20 -17.43 -5.65
CA THR B 747 -24.96 -18.86 -5.71
C THR B 747 -24.34 -19.27 -7.04
N ARG B 748 -23.74 -20.47 -7.05
CA ARG B 748 -23.15 -21.02 -8.26
C ARG B 748 -24.14 -21.09 -9.41
N GLU B 749 -25.38 -21.53 -9.14
CA GLU B 749 -26.40 -21.57 -10.18
C GLU B 749 -26.76 -20.18 -10.69
N GLU B 750 -26.79 -19.18 -9.82
CA GLU B 750 -26.95 -17.81 -10.29
C GLU B 750 -25.76 -17.38 -11.15
N TYR B 751 -24.54 -17.77 -10.75
CA TYR B 751 -23.37 -17.53 -11.57
C TYR B 751 -23.47 -18.23 -12.92
N LEU B 752 -23.86 -19.51 -12.91
CA LEU B 752 -24.03 -20.23 -14.16
C LEU B 752 -25.13 -19.63 -15.02
N GLU B 753 -26.13 -18.98 -14.42
CA GLU B 753 -27.08 -18.21 -15.20
C GLU B 753 -26.47 -16.91 -15.71
N LYS B 754 -25.92 -16.10 -14.80
CA LYS B 754 -25.61 -14.71 -15.09
C LYS B 754 -24.17 -14.47 -15.54
N GLY B 755 -23.25 -15.35 -15.19
CA GLY B 755 -21.84 -15.08 -15.40
C GLY B 755 -21.27 -14.11 -14.38
N GLY B 756 -19.94 -14.10 -14.30
CA GLY B 756 -19.24 -13.47 -13.18
C GLY B 756 -19.20 -11.96 -13.19
N GLU B 757 -19.70 -11.29 -14.24
CA GLU B 757 -19.85 -9.84 -14.17
C GLU B 757 -21.06 -9.40 -13.35
N TYR B 758 -22.02 -10.28 -13.14
CA TYR B 758 -23.22 -9.95 -12.37
C TYR B 758 -22.90 -9.90 -10.88
N ILE B 759 -23.49 -8.92 -10.19
CA ILE B 759 -23.40 -8.82 -8.74
C ILE B 759 -24.72 -8.33 -8.17
N LYS B 760 -25.02 -8.74 -6.94
CA LYS B 760 -26.08 -8.12 -6.14
C LYS B 760 -25.53 -6.80 -5.59
N GLU B 761 -26.11 -5.69 -6.02
CA GLU B 761 -25.76 -4.40 -5.46
C GLU B 761 -26.19 -4.31 -4.01
N HIS B 762 -25.31 -3.77 -3.17
CA HIS B 762 -25.57 -3.69 -1.74
C HIS B 762 -24.71 -2.58 -1.14
N ASP B 763 -25.03 -2.22 0.09
CA ASP B 763 -24.49 -1.03 0.73
C ASP B 763 -22.95 -0.99 0.71
N LEU B 764 -22.32 -2.16 0.83
CA LEU B 764 -20.88 -2.23 1.03
C LEU B 764 -20.10 -2.63 -0.22
N GLY B 765 -20.74 -2.68 -1.38
CA GLY B 765 -20.11 -3.19 -2.58
C GLY B 765 -20.30 -2.26 -3.76
N ASN B 766 -19.69 -2.66 -4.88
CA ASN B 766 -19.75 -1.90 -6.12
C ASN B 766 -21.13 -1.99 -6.75
N ALA B 767 -21.39 -1.07 -7.67
CA ALA B 767 -22.66 -1.02 -8.40
C ALA B 767 -22.77 -2.21 -9.36
PG ATP C . -5.38 -2.39 -0.80
O1G ATP C . -6.73 -2.24 -0.21
O2G ATP C . -5.31 -3.40 -1.94
O3G ATP C . -4.77 -1.07 -1.27
PB ATP C . -4.34 -3.54 1.73
O1B ATP C . -5.68 -3.97 2.16
O2B ATP C . -3.27 -4.62 1.77
O3B ATP C . -4.36 -2.94 0.28
PA ATP C . -3.36 -2.08 4.08
O1A ATP C . -4.46 -1.50 4.88
O2A ATP C . -2.81 -3.40 4.61
O3A ATP C . -3.81 -2.32 2.60
O5' ATP C . -2.17 -1.06 3.95
C5' ATP C . -0.84 -1.40 4.44
C4' ATP C . 0.13 -0.36 3.94
O4' ATP C . 0.39 0.59 5.00
C3' ATP C . 1.49 -0.90 3.52
O3' ATP C . 2.07 -0.08 2.52
C2' ATP C . 2.28 -0.82 4.82
O2' ATP C . 3.68 -0.72 4.59
C1' ATP C . 1.73 0.46 5.43
N9 ATP C . 1.75 0.48 6.89
C8 ATP C . 1.49 -0.57 7.74
N7 ATP C . 1.58 -0.28 9.01
C5 ATP C . 1.91 1.07 9.01
C6 ATP C . 2.15 1.99 10.04
N6 ATP C . 2.08 1.68 11.35
N1 ATP C . 2.46 3.25 9.70
C2 ATP C . 2.52 3.57 8.41
N3 ATP C . 2.32 2.79 7.34
C4 ATP C . 2.02 1.55 7.71
MG MG D . -6.96 -2.81 1.42
#